data_5AM1
#
_entry.id   5AM1
#
_cell.length_a   92.936
_cell.length_b   92.936
_cell.length_c   244.702
_cell.angle_alpha   90.00
_cell.angle_beta   90.00
_cell.angle_gamma   120.00
#
_symmetry.space_group_name_H-M   'P 65 2 2'
#
loop_
_entity.id
_entity.type
_entity.pdbx_description
1 polymer 'BIFUNCTIONAL EPOXIDE HYDROLASE 2'
2 non-polymer 'SULFATE ION'
3 non-polymer 'DIMETHYL SULFOXIDE'
4 non-polymer "4-oxidanylidene-N-[(1S,2R)-2-phenylcyclopropyl]spiro[3H-chromene-2,4'-piperidine]-1'-carboxamide"
5 water water
#
_entity_poly.entity_id   1
_entity_poly.type   'polypeptide(L)'
_entity_poly.pdbx_seq_one_letter_code
;GMTLRAAVFDLDGVLALPAVFGVLGRTEEALALPRGLLNDAFQKGGPEGATTRLMKGEITLSQWIPLMEENCRKCSETAK
VCLPKNFSIKEIFDKAISARKINRPMLQAALMLRKKGFTTAILTNTWLDDRAERDGLAQLMCELKMHFDFLIESCQVGMV
KPEPQIYKFLLDTLKASPSEVVFLDDIGANLKPARDLGMVTILVQDTDTALKELEKVTGIQLLNTPAPLPTSCNPSDMSH
GYVTVKPRVRLHFVELGSGPAVCLCHGFPESWYSWRYQIPALAQAGYRVLAMDMKGYGESSAPPEIEEYCMEVLCKEMVT
FLDKLGLSQAVFIGHDWGGMLVWYMALFYPERVRAVASLNTPFIPANPNMSPLESIKANPVFDYQLYFQEPGVAEAELEQ
NLSRTFKSLFRASDESVLSMHKVCEAGGLFVNSPEEPSLSRMVTEEEIQFYVQQFKKSGFRGPLNWYRNMERNWKWACKS
LGRKILIPALMVTAEKDFVLVPQMSQHMEDWIPHLKRGHIEDCGHWTQMDKPTEVNQILIKWLDSDARN
;
_entity_poly.pdbx_strand_id   A
#
# COMPACT_ATOMS: atom_id res chain seq x y z
N THR A 3 29.59 -7.63 -16.27
CA THR A 3 28.25 -7.04 -16.37
C THR A 3 27.37 -7.32 -15.14
N LEU A 4 26.98 -6.23 -14.45
CA LEU A 4 26.18 -6.32 -13.23
C LEU A 4 24.73 -6.72 -13.46
N ARG A 5 24.20 -7.51 -12.51
CA ARG A 5 22.80 -7.96 -12.45
C ARG A 5 22.32 -8.18 -11.02
N ALA A 6 23.14 -7.80 -10.01
CA ALA A 6 22.79 -7.93 -8.59
C ALA A 6 23.36 -6.82 -7.71
N ALA A 7 22.50 -6.27 -6.82
CA ALA A 7 22.90 -5.24 -5.86
C ALA A 7 22.59 -5.70 -4.44
N VAL A 8 23.57 -5.55 -3.56
CA VAL A 8 23.50 -6.00 -2.17
C VAL A 8 23.71 -4.78 -1.31
N PHE A 9 22.85 -4.61 -0.30
CA PHE A 9 22.91 -3.46 0.59
C PHE A 9 22.96 -3.90 2.04
N ASP A 10 23.71 -3.14 2.85
CA ASP A 10 23.74 -3.35 4.29
C ASP A 10 22.45 -2.68 4.83
N LEU A 11 22.10 -2.96 6.10
CA LEU A 11 20.94 -2.32 6.71
C LEU A 11 21.41 -1.07 7.42
N ASP A 12 22.16 -1.23 8.53
CA ASP A 12 22.67 -0.11 9.33
C ASP A 12 23.65 0.77 8.52
N GLY A 13 23.40 2.08 8.54
CA GLY A 13 24.17 3.07 7.80
C GLY A 13 23.99 3.08 6.29
N VAL A 14 23.18 2.15 5.74
CA VAL A 14 22.98 2.06 4.29
C VAL A 14 21.49 2.19 3.92
N LEU A 15 20.66 1.20 4.32
CA LEU A 15 19.22 1.23 4.07
C LEU A 15 18.44 1.90 5.21
N ALA A 16 19.09 2.04 6.38
CA ALA A 16 18.50 2.62 7.56
C ALA A 16 19.46 3.63 8.24
N LEU A 17 18.93 4.81 8.57
CA LEU A 17 19.67 5.92 9.17
C LEU A 17 18.89 6.60 10.32
N PRO A 18 19.57 7.16 11.35
CA PRO A 18 21.02 7.13 11.61
C PRO A 18 21.50 5.75 12.05
N ALA A 19 22.72 5.37 11.66
CA ALA A 19 23.35 4.10 12.01
C ALA A 19 23.37 3.89 13.51
N VAL A 20 22.89 2.73 13.98
CA VAL A 20 22.82 2.34 15.39
C VAL A 20 24.23 2.35 16.02
N PHE A 21 25.27 2.01 15.23
CA PHE A 21 26.68 2.03 15.64
C PHE A 21 27.17 3.42 16.07
N GLY A 22 26.70 4.45 15.36
CA GLY A 22 27.07 5.85 15.60
C GLY A 22 26.59 6.46 16.90
N VAL A 23 25.69 5.77 17.64
CA VAL A 23 25.17 6.27 18.92
C VAL A 23 26.11 6.05 20.10
N LEU A 24 27.04 5.08 19.98
CA LEU A 24 28.02 4.79 21.04
C LEU A 24 28.96 6.00 21.23
N GLY A 25 29.34 6.62 20.11
CA GLY A 25 30.16 7.83 20.06
C GLY A 25 29.38 9.06 20.45
N ARG A 26 28.07 9.09 20.10
CA ARG A 26 27.13 10.16 20.43
C ARG A 26 26.95 10.22 21.96
N THR A 27 26.81 9.04 22.60
CA THR A 27 26.64 8.88 24.05
C THR A 27 27.92 9.30 24.81
N GLU A 28 29.10 8.99 24.22
CA GLU A 28 30.41 9.36 24.77
C GLU A 28 30.52 10.89 24.83
N GLU A 29 30.20 11.58 23.69
CA GLU A 29 30.24 13.03 23.52
C GLU A 29 29.23 13.75 24.43
N ALA A 30 27.98 13.23 24.49
CA ALA A 30 26.91 13.79 25.32
C ALA A 30 27.17 13.64 26.82
N LEU A 31 27.85 12.55 27.23
CA LEU A 31 28.16 12.29 28.64
C LEU A 31 29.59 12.64 29.06
N ALA A 32 30.37 13.28 28.15
CA ALA A 32 31.77 13.68 28.35
C ALA A 32 32.66 12.49 28.83
N LEU A 33 32.37 11.31 28.29
CA LEU A 33 33.10 10.08 28.62
C LEU A 33 34.35 10.01 27.73
N PRO A 34 35.44 9.29 28.16
CA PRO A 34 36.63 9.19 27.29
C PRO A 34 36.29 8.64 25.92
N ARG A 35 36.91 9.22 24.87
CA ARG A 35 36.66 8.84 23.48
C ARG A 35 36.90 7.34 23.23
N GLY A 36 35.94 6.73 22.52
CA GLY A 36 35.94 5.32 22.16
C GLY A 36 35.73 4.33 23.30
N LEU A 37 35.26 4.81 24.49
CA LEU A 37 35.01 3.98 25.67
C LEU A 37 33.85 2.98 25.44
N LEU A 38 32.72 3.48 24.92
CA LEU A 38 31.51 2.70 24.65
C LEU A 38 31.63 1.85 23.38
N ASN A 39 32.34 2.36 22.36
CA ASN A 39 32.54 1.64 21.10
C ASN A 39 33.52 0.48 21.32
N ASP A 40 34.36 0.59 22.35
CA ASP A 40 35.35 -0.41 22.75
C ASP A 40 34.68 -1.55 23.49
N ALA A 41 33.80 -1.21 24.44
CA ALA A 41 33.03 -2.16 25.25
C ALA A 41 32.15 -3.01 24.32
N PHE A 42 31.69 -2.39 23.22
CA PHE A 42 30.89 -3.01 22.16
C PHE A 42 31.66 -4.10 21.43
N GLN A 43 32.92 -3.84 21.03
CA GLN A 43 33.74 -4.79 20.28
C GLN A 43 34.68 -5.67 21.14
N LYS A 44 34.51 -5.62 22.48
CA LYS A 44 35.31 -6.39 23.47
C LYS A 44 35.28 -7.91 23.24
N GLY A 45 36.47 -8.51 23.10
CA GLY A 45 36.65 -9.94 22.89
C GLY A 45 36.82 -10.35 21.44
N GLY A 46 36.44 -9.46 20.53
CA GLY A 46 36.51 -9.68 19.09
C GLY A 46 35.60 -10.79 18.61
N PRO A 47 36.17 -11.82 17.91
CA PRO A 47 35.33 -12.93 17.39
C PRO A 47 34.84 -13.91 18.46
N GLU A 48 35.33 -13.76 19.69
CA GLU A 48 34.99 -14.60 20.85
C GLU A 48 34.08 -13.82 21.82
N GLY A 49 34.02 -12.51 21.63
CA GLY A 49 33.24 -11.59 22.45
C GLY A 49 31.74 -11.70 22.32
N ALA A 50 31.01 -11.18 23.33
CA ALA A 50 29.56 -11.19 23.45
C ALA A 50 28.83 -10.68 22.21
N THR A 51 29.35 -9.61 21.58
CA THR A 51 28.77 -9.02 20.37
C THR A 51 28.78 -9.96 19.18
N THR A 52 29.88 -10.74 19.00
CA THR A 52 29.98 -11.72 17.90
C THR A 52 28.98 -12.87 18.10
N ARG A 53 28.83 -13.32 19.35
CA ARG A 53 27.90 -14.37 19.76
C ARG A 53 26.46 -13.90 19.51
N LEU A 54 26.20 -12.60 19.78
CA LEU A 54 24.92 -11.94 19.54
C LEU A 54 24.62 -11.92 18.03
N MET A 55 25.58 -11.41 17.23
CA MET A 55 25.47 -11.29 15.78
C MET A 55 25.37 -12.63 15.04
N LYS A 56 25.93 -13.71 15.60
CA LYS A 56 25.86 -15.05 15.02
C LYS A 56 24.60 -15.80 15.47
N GLY A 57 23.88 -15.24 16.44
CA GLY A 57 22.62 -15.79 16.95
C GLY A 57 22.71 -16.77 18.11
N GLU A 58 23.89 -16.89 18.75
CA GLU A 58 24.12 -17.79 19.88
C GLU A 58 23.32 -17.36 21.10
N ILE A 59 23.13 -16.04 21.23
CA ILE A 59 22.41 -15.39 22.33
C ILE A 59 21.47 -14.32 21.76
N THR A 60 20.47 -13.89 22.55
CA THR A 60 19.52 -12.85 22.17
C THR A 60 20.01 -11.46 22.65
N LEU A 61 19.38 -10.38 22.17
CA LEU A 61 19.70 -9.02 22.58
C LEU A 61 19.52 -8.82 24.11
N SER A 62 18.44 -9.37 24.72
CA SER A 62 18.20 -9.24 26.17
C SER A 62 19.23 -9.96 27.04
N GLN A 63 19.84 -11.03 26.50
CA GLN A 63 20.91 -11.78 27.16
C GLN A 63 22.24 -11.00 27.03
N TRP A 64 22.43 -10.29 25.89
CA TRP A 64 23.62 -9.51 25.57
C TRP A 64 23.70 -8.20 26.37
N ILE A 65 22.56 -7.51 26.61
CA ILE A 65 22.50 -6.26 27.38
C ILE A 65 23.37 -6.32 28.67
N PRO A 66 23.20 -7.32 29.58
CA PRO A 66 24.07 -7.36 30.78
C PRO A 66 25.56 -7.62 30.52
N LEU A 67 25.89 -8.41 29.47
CA LEU A 67 27.29 -8.70 29.09
C LEU A 67 27.99 -7.45 28.54
N MET A 68 27.24 -6.56 27.86
CA MET A 68 27.71 -5.28 27.33
C MET A 68 27.97 -4.32 28.50
N GLU A 69 27.07 -4.32 29.50
CA GLU A 69 27.15 -3.51 30.71
C GLU A 69 28.44 -3.86 31.49
N GLU A 70 28.77 -5.17 31.60
CA GLU A 70 29.97 -5.66 32.24
C GLU A 70 31.24 -5.19 31.48
N ASN A 71 31.20 -5.24 30.13
CA ASN A 71 32.29 -4.78 29.26
C ASN A 71 32.52 -3.26 29.38
N CYS A 72 31.45 -2.48 29.67
CA CYS A 72 31.48 -1.02 29.87
C CYS A 72 32.20 -0.68 31.17
N ARG A 73 32.06 -1.55 32.20
CA ARG A 73 32.69 -1.42 33.51
C ARG A 73 34.20 -1.71 33.42
N LYS A 74 34.59 -2.82 32.74
CA LYS A 74 35.99 -3.23 32.55
C LYS A 74 36.78 -2.21 31.71
N CYS A 75 36.10 -1.54 30.75
CA CYS A 75 36.68 -0.52 29.87
C CYS A 75 36.98 0.76 30.65
N SER A 76 36.10 1.13 31.61
CA SER A 76 36.26 2.31 32.46
C SER A 76 37.37 2.13 33.52
N GLU A 77 37.64 0.86 33.94
CA GLU A 77 38.68 0.49 34.91
C GLU A 77 40.08 0.84 34.38
N THR A 78 40.31 0.60 33.08
CA THR A 78 41.58 0.85 32.39
C THR A 78 41.73 2.36 32.06
N ALA A 79 40.65 3.00 31.60
CA ALA A 79 40.60 4.43 31.25
C ALA A 79 40.62 5.36 32.49
N LYS A 80 40.57 4.76 33.72
CA LYS A 80 40.58 5.43 35.02
C LYS A 80 39.46 6.49 35.19
N VAL A 81 38.22 6.09 34.88
CA VAL A 81 37.00 6.91 34.93
C VAL A 81 35.81 6.17 35.57
N CYS A 82 34.66 6.87 35.71
CA CYS A 82 33.43 6.30 36.26
C CYS A 82 32.17 6.73 35.49
N LEU A 83 31.32 5.76 35.16
CA LEU A 83 30.07 5.94 34.41
C LEU A 83 29.01 6.67 35.28
N PRO A 84 28.06 7.44 34.67
CA PRO A 84 27.05 8.15 35.48
C PRO A 84 26.13 7.27 36.33
N LYS A 85 25.42 7.92 37.28
CA LYS A 85 24.49 7.32 38.26
C LYS A 85 23.47 6.37 37.64
N ASN A 86 22.62 6.88 36.74
CA ASN A 86 21.62 6.05 36.06
C ASN A 86 21.85 5.92 34.56
N PHE A 87 22.96 5.24 34.24
CA PHE A 87 23.42 4.89 32.91
C PHE A 87 22.75 3.57 32.56
N SER A 88 22.10 3.51 31.38
CA SER A 88 21.42 2.29 30.94
C SER A 88 21.70 1.98 29.46
N ILE A 89 22.31 0.80 29.19
CA ILE A 89 22.65 0.30 27.86
C ILE A 89 21.35 0.07 27.11
N LYS A 90 20.35 -0.49 27.80
CA LYS A 90 19.00 -0.75 27.29
C LYS A 90 18.42 0.54 26.77
N GLU A 91 18.43 1.61 27.61
CA GLU A 91 17.93 2.95 27.30
C GLU A 91 18.59 3.54 26.05
N ILE A 92 19.93 3.35 25.92
CA ILE A 92 20.71 3.85 24.78
C ILE A 92 20.30 3.13 23.50
N PHE A 93 20.26 1.78 23.54
CA PHE A 93 19.89 1.00 22.37
C PHE A 93 18.41 1.10 21.98
N ASP A 94 17.49 1.24 22.97
CA ASP A 94 16.07 1.43 22.72
C ASP A 94 15.84 2.69 21.88
N LYS A 95 16.49 3.81 22.28
CA LYS A 95 16.42 5.12 21.63
C LYS A 95 17.05 5.09 20.24
N ALA A 96 18.25 4.47 20.12
CA ALA A 96 19.00 4.31 18.87
C ALA A 96 18.22 3.54 17.80
N ILE A 97 17.58 2.42 18.20
CA ILE A 97 16.78 1.56 17.30
C ILE A 97 15.52 2.29 16.82
N SER A 98 14.85 3.01 17.74
CA SER A 98 13.65 3.81 17.47
C SER A 98 13.95 4.97 16.51
N ALA A 99 15.13 5.62 16.68
CA ALA A 99 15.56 6.76 15.86
C ALA A 99 15.90 6.31 14.45
N ARG A 100 16.39 5.07 14.29
CA ARG A 100 16.77 4.51 12.99
C ARG A 100 15.54 4.27 12.13
N LYS A 101 15.48 5.00 11.01
CA LYS A 101 14.37 4.96 10.05
C LYS A 101 14.96 4.56 8.72
N ILE A 102 14.09 4.22 7.76
CA ILE A 102 14.47 3.85 6.41
C ILE A 102 15.12 5.05 5.73
N ASN A 103 16.21 4.79 4.95
CA ASN A 103 16.89 5.75 4.12
C ASN A 103 16.13 5.71 2.78
N ARG A 104 15.03 6.50 2.67
CA ARG A 104 14.16 6.52 1.48
C ARG A 104 14.86 6.63 0.11
N PRO A 105 15.86 7.53 -0.13
CA PRO A 105 16.51 7.55 -1.45
C PRO A 105 17.28 6.26 -1.77
N MET A 106 17.88 5.59 -0.75
CA MET A 106 18.61 4.33 -0.94
C MET A 106 17.61 3.23 -1.35
N LEU A 107 16.43 3.19 -0.69
CA LEU A 107 15.36 2.22 -1.03
C LEU A 107 14.85 2.43 -2.45
N GLN A 108 14.64 3.70 -2.86
CA GLN A 108 14.21 4.08 -4.22
C GLN A 108 15.20 3.55 -5.25
N ALA A 109 16.52 3.66 -4.97
CA ALA A 109 17.59 3.17 -5.84
C ALA A 109 17.49 1.64 -5.99
N ALA A 110 17.38 0.90 -4.85
CA ALA A 110 17.22 -0.56 -4.81
C ALA A 110 15.97 -0.97 -5.59
N LEU A 111 14.87 -0.21 -5.41
CA LEU A 111 13.62 -0.42 -6.13
C LEU A 111 13.81 -0.26 -7.65
N MET A 112 14.44 0.84 -8.08
CA MET A 112 14.73 1.11 -9.49
C MET A 112 15.64 0.02 -10.10
N LEU A 113 16.70 -0.39 -9.37
CA LEU A 113 17.59 -1.46 -9.85
C LEU A 113 16.81 -2.77 -10.04
N ARG A 114 15.90 -3.11 -9.10
CA ARG A 114 15.05 -4.31 -9.20
C ARG A 114 14.07 -4.21 -10.38
N LYS A 115 13.51 -3.01 -10.63
CA LYS A 115 12.57 -2.73 -11.73
C LYS A 115 13.24 -2.95 -13.09
N LYS A 116 14.57 -2.67 -13.16
CA LYS A 116 15.37 -2.87 -14.38
C LYS A 116 15.93 -4.31 -14.56
N GLY A 117 15.51 -5.24 -13.72
CA GLY A 117 15.90 -6.65 -13.83
C GLY A 117 16.97 -7.16 -12.89
N PHE A 118 17.47 -6.30 -11.98
CA PHE A 118 18.48 -6.69 -10.99
C PHE A 118 17.88 -7.54 -9.89
N THR A 119 18.69 -8.46 -9.34
CA THR A 119 18.34 -9.27 -8.18
C THR A 119 18.87 -8.43 -7.03
N THR A 120 18.07 -8.22 -5.97
CA THR A 120 18.53 -7.39 -4.85
C THR A 120 18.53 -8.15 -3.56
N ALA A 121 19.43 -7.79 -2.65
CA ALA A 121 19.48 -8.47 -1.37
C ALA A 121 19.97 -7.55 -0.28
N ILE A 122 19.49 -7.80 0.93
CA ILE A 122 19.93 -7.11 2.11
C ILE A 122 20.83 -8.13 2.82
N LEU A 123 22.08 -7.75 3.10
CA LEU A 123 23.00 -8.60 3.85
C LEU A 123 23.33 -7.81 5.12
N THR A 124 22.96 -8.34 6.29
CA THR A 124 23.16 -7.60 7.53
C THR A 124 23.63 -8.40 8.73
N ASN A 125 24.43 -7.72 9.58
CA ASN A 125 24.90 -8.21 10.86
C ASN A 125 23.88 -7.71 11.83
N THR A 126 23.00 -8.64 12.31
CA THR A 126 21.92 -8.31 13.21
C THR A 126 21.77 -9.33 14.34
N TRP A 127 20.86 -9.04 15.25
CA TRP A 127 20.60 -9.79 16.47
C TRP A 127 19.16 -10.33 16.52
N LEU A 128 18.90 -11.26 17.45
CA LEU A 128 17.58 -11.81 17.74
C LEU A 128 17.02 -10.93 18.82
N ASP A 129 16.06 -10.08 18.45
CA ASP A 129 15.46 -9.06 19.30
C ASP A 129 14.25 -9.53 20.09
N ASP A 130 14.44 -9.68 21.43
CA ASP A 130 13.41 -10.12 22.38
C ASP A 130 13.08 -9.00 23.41
N ARG A 131 13.45 -7.75 23.08
CA ARG A 131 13.17 -6.57 23.93
C ARG A 131 11.67 -6.36 23.90
N ALA A 132 11.09 -5.74 24.94
CA ALA A 132 9.65 -5.49 24.95
C ALA A 132 9.21 -4.58 23.79
N GLU A 133 10.15 -3.75 23.28
CA GLU A 133 9.92 -2.79 22.19
C GLU A 133 10.41 -3.27 20.81
N ARG A 134 10.68 -4.61 20.68
CA ARG A 134 11.11 -5.31 19.46
C ARG A 134 10.23 -5.09 18.22
N ASP A 135 8.93 -4.81 18.41
CA ASP A 135 7.99 -4.59 17.31
C ASP A 135 8.36 -3.45 16.35
N GLY A 136 8.94 -2.37 16.87
CA GLY A 136 9.36 -1.22 16.06
C GLY A 136 10.33 -1.66 14.97
N LEU A 137 11.34 -2.45 15.35
CA LEU A 137 12.35 -3.03 14.46
C LEU A 137 11.68 -4.07 13.51
N ALA A 138 10.76 -4.91 14.05
CA ALA A 138 10.03 -5.93 13.28
C ALA A 138 9.26 -5.27 12.13
N GLN A 139 8.56 -4.15 12.42
CA GLN A 139 7.83 -3.34 11.44
C GLN A 139 8.78 -2.79 10.36
N LEU A 140 9.96 -2.28 10.77
CA LEU A 140 10.97 -1.72 9.86
C LEU A 140 11.46 -2.80 8.91
N MET A 141 11.81 -3.97 9.46
CA MET A 141 12.28 -5.11 8.66
C MET A 141 11.21 -5.57 7.68
N CYS A 142 9.94 -5.59 8.12
N CYS A 142 9.94 -5.63 8.12
CA CYS A 142 8.80 -5.99 7.29
CA CYS A 142 8.78 -6.02 7.30
C CYS A 142 8.63 -5.07 6.11
C CYS A 142 8.58 -5.10 6.13
N GLU A 143 8.65 -3.76 6.36
CA GLU A 143 8.52 -2.75 5.30
C GLU A 143 9.68 -2.89 4.29
N LEU A 144 10.95 -2.88 4.78
CA LEU A 144 12.11 -3.04 3.92
C LEU A 144 12.18 -4.34 3.11
N LYS A 145 12.10 -5.51 3.78
CA LYS A 145 12.30 -6.83 3.16
C LYS A 145 11.46 -7.18 1.95
N MET A 146 10.17 -6.73 1.92
N MET A 146 10.19 -6.75 1.92
CA MET A 146 9.22 -6.99 0.82
CA MET A 146 9.27 -7.07 0.84
C MET A 146 9.74 -6.54 -0.54
C MET A 146 9.61 -6.43 -0.52
N HIS A 147 10.58 -5.50 -0.51
CA HIS A 147 11.12 -4.82 -1.69
C HIS A 147 12.38 -5.49 -2.26
N PHE A 148 12.85 -6.57 -1.63
CA PHE A 148 14.06 -7.29 -2.01
C PHE A 148 13.86 -8.76 -2.27
N ASP A 149 14.72 -9.34 -3.12
CA ASP A 149 14.67 -10.77 -3.43
C ASP A 149 15.12 -11.62 -2.26
N PHE A 150 16.13 -11.14 -1.50
CA PHE A 150 16.64 -11.87 -0.34
C PHE A 150 16.98 -10.96 0.81
N LEU A 151 16.88 -11.51 2.03
CA LEU A 151 17.28 -10.88 3.26
C LEU A 151 18.13 -11.91 3.97
N ILE A 152 19.42 -11.61 4.12
CA ILE A 152 20.36 -12.50 4.79
C ILE A 152 20.75 -11.81 6.07
N GLU A 153 20.36 -12.40 7.20
CA GLU A 153 20.59 -11.92 8.53
C GLU A 153 21.64 -12.81 9.16
N SER A 154 22.69 -12.19 9.72
CA SER A 154 23.80 -12.91 10.34
C SER A 154 23.37 -13.86 11.47
N CYS A 155 22.44 -13.41 12.35
CA CYS A 155 21.93 -14.20 13.49
C CYS A 155 21.09 -15.41 13.06
N GLN A 156 20.65 -15.41 11.81
CA GLN A 156 19.87 -16.50 11.26
C GLN A 156 20.76 -17.52 10.54
N VAL A 157 21.82 -17.04 9.86
CA VAL A 157 22.75 -17.89 9.13
C VAL A 157 23.98 -18.34 9.96
N GLY A 158 24.09 -17.85 11.20
CA GLY A 158 25.18 -18.19 12.12
C GLY A 158 26.59 -17.81 11.69
N MET A 159 26.67 -16.96 10.65
CA MET A 159 27.88 -16.41 10.03
C MET A 159 27.84 -14.92 10.24
N VAL A 160 28.97 -14.22 10.03
CA VAL A 160 29.01 -12.79 10.28
C VAL A 160 29.97 -12.06 9.32
N LYS A 161 29.77 -10.76 9.14
CA LYS A 161 30.71 -9.94 8.36
C LYS A 161 31.74 -9.51 9.41
N PRO A 162 33.07 -9.57 9.13
CA PRO A 162 33.73 -9.80 7.84
C PRO A 162 34.23 -11.20 7.47
N GLU A 163 33.74 -12.26 8.15
CA GLU A 163 34.14 -13.66 7.86
C GLU A 163 33.85 -14.00 6.41
N PRO A 164 34.78 -14.64 5.66
CA PRO A 164 34.54 -14.84 4.21
C PRO A 164 33.46 -15.83 3.80
N GLN A 165 32.99 -16.68 4.73
CA GLN A 165 31.94 -17.70 4.49
C GLN A 165 30.58 -17.09 4.16
N ILE A 166 30.23 -15.96 4.81
CA ILE A 166 28.95 -15.25 4.58
C ILE A 166 28.89 -14.69 3.14
N TYR A 167 30.05 -14.35 2.55
CA TYR A 167 30.16 -13.84 1.19
C TYR A 167 29.96 -14.93 0.16
N LYS A 168 30.52 -16.14 0.42
CA LYS A 168 30.32 -17.29 -0.47
C LYS A 168 28.87 -17.76 -0.32
N PHE A 169 28.29 -17.58 0.89
CA PHE A 169 26.88 -17.86 1.15
C PHE A 169 26.04 -16.88 0.33
N LEU A 170 26.38 -15.57 0.40
CA LEU A 170 25.70 -14.50 -0.37
C LEU A 170 25.66 -14.82 -1.86
N LEU A 171 26.81 -15.20 -2.45
CA LEU A 171 26.92 -15.53 -3.88
C LEU A 171 26.10 -16.75 -4.27
N ASP A 172 26.09 -17.77 -3.39
CA ASP A 172 25.31 -19.00 -3.60
C ASP A 172 23.81 -18.69 -3.62
N THR A 173 23.32 -17.86 -2.67
CA THR A 173 21.91 -17.46 -2.63
C THR A 173 21.59 -16.63 -3.86
N LEU A 174 22.52 -15.74 -4.28
CA LEU A 174 22.32 -14.89 -5.46
C LEU A 174 22.38 -15.65 -6.78
N LYS A 175 23.03 -16.85 -6.82
CA LYS A 175 23.23 -17.69 -8.03
C LYS A 175 23.94 -16.85 -9.11
N ALA A 176 24.96 -16.08 -8.69
CA ALA A 176 25.71 -15.16 -9.52
C ALA A 176 27.18 -15.09 -9.12
N SER A 177 28.06 -14.90 -10.12
CA SER A 177 29.51 -14.77 -9.91
C SER A 177 29.81 -13.37 -9.36
N PRO A 178 30.86 -13.19 -8.51
CA PRO A 178 31.14 -11.86 -7.94
C PRO A 178 31.10 -10.67 -8.89
N SER A 179 31.60 -10.85 -10.14
CA SER A 179 31.67 -9.84 -11.20
C SER A 179 30.30 -9.18 -11.49
N GLU A 180 29.20 -9.96 -11.35
CA GLU A 180 27.82 -9.53 -11.58
C GLU A 180 27.19 -8.82 -10.35
N VAL A 181 27.95 -8.63 -9.26
CA VAL A 181 27.44 -8.10 -7.98
C VAL A 181 28.05 -6.79 -7.47
N VAL A 182 27.18 -5.81 -7.13
CA VAL A 182 27.53 -4.54 -6.47
C VAL A 182 27.22 -4.78 -5.00
N PHE A 183 28.11 -4.35 -4.13
CA PHE A 183 27.96 -4.49 -2.70
C PHE A 183 28.18 -3.12 -2.08
N LEU A 184 27.19 -2.62 -1.31
CA LEU A 184 27.23 -1.31 -0.66
C LEU A 184 27.26 -1.51 0.84
N ASP A 185 28.21 -0.87 1.52
CA ASP A 185 28.40 -0.99 2.97
C ASP A 185 29.03 0.27 3.54
N ASP A 186 28.69 0.62 4.79
CA ASP A 186 29.25 1.78 5.47
C ASP A 186 30.54 1.46 6.24
N ILE A 187 30.81 0.15 6.49
CA ILE A 187 32.00 -0.32 7.21
C ILE A 187 32.98 -0.92 6.20
N GLY A 188 34.12 -0.25 6.05
CA GLY A 188 35.19 -0.62 5.10
C GLY A 188 35.76 -2.00 5.31
N ALA A 189 35.85 -2.44 6.56
CA ALA A 189 36.33 -3.78 6.93
C ALA A 189 35.38 -4.85 6.36
N ASN A 190 34.06 -4.56 6.37
CA ASN A 190 33.04 -5.48 5.86
C ASN A 190 32.93 -5.44 4.33
N LEU A 191 33.53 -4.40 3.72
CA LEU A 191 33.59 -4.21 2.27
C LEU A 191 34.69 -5.07 1.66
N LYS A 192 35.90 -5.07 2.31
CA LYS A 192 37.13 -5.79 1.95
C LYS A 192 36.93 -7.21 1.40
N PRO A 193 36.24 -8.16 2.09
CA PRO A 193 36.09 -9.51 1.53
C PRO A 193 35.33 -9.57 0.22
N ALA A 194 34.30 -8.71 0.04
CA ALA A 194 33.53 -8.67 -1.20
C ALA A 194 34.41 -8.18 -2.34
N ARG A 195 35.23 -7.16 -2.07
CA ARG A 195 36.15 -6.59 -3.05
C ARG A 195 37.21 -7.62 -3.44
N ASP A 196 37.93 -8.20 -2.44
CA ASP A 196 38.96 -9.21 -2.70
C ASP A 196 38.46 -10.55 -3.31
N LEU A 197 37.14 -10.64 -3.58
CA LEU A 197 36.48 -11.77 -4.25
C LEU A 197 36.11 -11.40 -5.69
N GLY A 198 36.16 -10.09 -6.02
CA GLY A 198 35.87 -9.58 -7.36
C GLY A 198 34.61 -8.74 -7.50
N MET A 199 33.81 -8.61 -6.41
CA MET A 199 32.58 -7.81 -6.43
C MET A 199 32.87 -6.32 -6.48
N VAL A 200 31.99 -5.55 -7.14
CA VAL A 200 32.06 -4.09 -7.16
C VAL A 200 31.62 -3.66 -5.74
N THR A 201 32.33 -2.72 -5.15
CA THR A 201 32.06 -2.26 -3.79
C THR A 201 31.90 -0.76 -3.74
N ILE A 202 31.05 -0.29 -2.83
CA ILE A 202 30.79 1.12 -2.59
C ILE A 202 30.86 1.37 -1.10
N LEU A 203 31.71 2.31 -0.68
CA LEU A 203 31.80 2.68 0.72
C LEU A 203 30.80 3.80 0.94
N VAL A 204 29.77 3.52 1.75
CA VAL A 204 28.69 4.45 2.01
C VAL A 204 28.97 5.35 3.20
N GLN A 205 29.15 6.65 2.93
CA GLN A 205 29.28 7.68 3.94
C GLN A 205 27.97 8.45 3.74
N ASP A 206 27.94 9.45 2.84
CA ASP A 206 26.70 10.16 2.51
C ASP A 206 26.01 9.40 1.38
N THR A 207 24.67 9.37 1.43
CA THR A 207 23.82 8.67 0.44
C THR A 207 24.06 9.13 -0.99
N ASP A 208 24.00 10.44 -1.23
CA ASP A 208 24.17 11.08 -2.55
C ASP A 208 25.41 10.60 -3.31
N THR A 209 26.59 10.60 -2.66
CA THR A 209 27.86 10.15 -3.26
C THR A 209 27.78 8.66 -3.53
N ALA A 210 27.28 7.89 -2.55
CA ALA A 210 27.10 6.44 -2.69
C ALA A 210 26.22 6.15 -3.91
N LEU A 211 25.12 6.93 -4.08
CA LEU A 211 24.22 6.80 -5.23
C LEU A 211 24.84 7.28 -6.55
N LYS A 212 25.78 8.26 -6.50
CA LYS A 212 26.49 8.75 -7.70
C LYS A 212 27.37 7.61 -8.19
N GLU A 213 28.08 6.95 -7.25
CA GLU A 213 28.94 5.79 -7.49
C GLU A 213 28.11 4.63 -8.05
N LEU A 214 26.94 4.35 -7.44
CA LEU A 214 26.03 3.29 -7.85
C LEU A 214 25.49 3.47 -9.27
N GLU A 215 25.10 4.69 -9.65
CA GLU A 215 24.57 4.91 -11.01
C GLU A 215 25.67 4.90 -12.08
N LYS A 216 26.90 5.27 -11.69
CA LYS A 216 28.06 5.27 -12.59
C LYS A 216 28.43 3.83 -12.96
N VAL A 217 28.49 2.95 -11.96
CA VAL A 217 28.82 1.53 -12.16
C VAL A 217 27.68 0.69 -12.80
N THR A 218 26.39 1.02 -12.52
CA THR A 218 25.25 0.28 -13.10
C THR A 218 24.78 0.82 -14.46
N GLY A 219 25.01 2.10 -14.71
CA GLY A 219 24.56 2.76 -15.95
C GLY A 219 23.08 3.08 -15.98
N ILE A 220 22.42 3.00 -14.80
CA ILE A 220 20.99 3.29 -14.59
C ILE A 220 20.88 4.58 -13.76
N GLN A 221 19.97 5.49 -14.15
CA GLN A 221 19.75 6.74 -13.41
C GLN A 221 18.99 6.43 -12.11
N LEU A 222 19.60 6.81 -10.98
CA LEU A 222 19.05 6.55 -9.65
C LEU A 222 18.93 7.84 -8.84
N LEU A 223 19.80 8.81 -9.13
CA LEU A 223 19.80 10.08 -8.44
C LEU A 223 19.02 11.12 -9.23
N ASN A 224 18.26 11.97 -8.52
CA ASN A 224 17.44 13.07 -9.07
C ASN A 224 16.31 12.57 -9.99
N THR A 225 16.03 11.26 -9.96
CA THR A 225 15.00 10.55 -10.75
C THR A 225 13.55 11.01 -10.37
N PRO A 226 12.51 10.88 -11.25
CA PRO A 226 11.16 11.33 -10.84
C PRO A 226 10.54 10.55 -9.67
N ALA A 227 9.51 11.18 -9.04
CA ALA A 227 8.79 10.61 -7.91
C ALA A 227 8.18 9.25 -8.34
N PRO A 228 8.55 8.14 -7.68
CA PRO A 228 8.02 6.84 -8.10
C PRO A 228 6.55 6.65 -7.69
N LEU A 229 5.87 5.69 -8.32
CA LEU A 229 4.46 5.40 -7.97
C LEU A 229 4.45 4.70 -6.61
N PRO A 230 3.36 4.79 -5.78
CA PRO A 230 3.34 4.03 -4.52
C PRO A 230 3.49 2.53 -4.80
N THR A 231 3.85 1.73 -3.80
CA THR A 231 3.96 0.26 -3.96
C THR A 231 2.60 -0.27 -4.39
N SER A 232 2.59 -1.19 -5.34
CA SER A 232 1.37 -1.81 -5.84
C SER A 232 1.20 -3.23 -5.22
N CYS A 233 0.25 -4.05 -5.72
CA CYS A 233 -0.02 -5.39 -5.21
C CYS A 233 0.21 -6.42 -6.26
N ASN A 234 0.88 -7.52 -5.92
CA ASN A 234 0.96 -8.67 -6.82
C ASN A 234 -0.15 -9.61 -6.34
N PRO A 235 -1.24 -9.83 -7.14
CA PRO A 235 -2.37 -10.67 -6.68
C PRO A 235 -2.04 -12.00 -6.00
N SER A 236 -0.99 -12.69 -6.48
CA SER A 236 -0.61 -14.00 -5.96
C SER A 236 0.14 -13.93 -4.63
N ASP A 237 0.57 -12.73 -4.22
CA ASP A 237 1.27 -12.55 -2.95
C ASP A 237 0.33 -12.06 -1.85
N MET A 238 -0.95 -11.95 -2.16
CA MET A 238 -1.90 -11.42 -1.18
C MET A 238 -2.60 -12.53 -0.39
N SER A 239 -3.10 -12.18 0.80
CA SER A 239 -3.98 -13.05 1.59
C SER A 239 -5.37 -12.84 0.99
N HIS A 240 -6.01 -13.91 0.53
CA HIS A 240 -7.34 -13.86 -0.08
C HIS A 240 -8.35 -14.43 0.89
N GLY A 241 -9.41 -13.67 1.18
CA GLY A 241 -10.47 -14.05 2.11
C GLY A 241 -11.81 -14.25 1.43
N TYR A 242 -12.62 -15.20 1.97
CA TYR A 242 -13.93 -15.60 1.43
C TYR A 242 -14.91 -15.85 2.55
N VAL A 243 -16.01 -15.11 2.53
CA VAL A 243 -17.08 -15.14 3.51
C VAL A 243 -18.40 -15.40 2.78
N THR A 244 -19.13 -16.44 3.20
CA THR A 244 -20.47 -16.70 2.67
C THR A 244 -21.45 -15.81 3.46
N VAL A 245 -22.10 -14.87 2.78
CA VAL A 245 -23.06 -13.94 3.41
C VAL A 245 -24.49 -14.49 3.43
N LYS A 246 -24.81 -15.41 2.51
CA LYS A 246 -26.07 -16.14 2.41
C LYS A 246 -25.90 -17.37 1.49
N PRO A 247 -26.79 -18.40 1.54
CA PRO A 247 -26.60 -19.62 0.73
C PRO A 247 -25.96 -19.49 -0.66
N ARG A 248 -26.42 -18.55 -1.47
CA ARG A 248 -25.86 -18.43 -2.81
C ARG A 248 -24.77 -17.33 -2.96
N VAL A 249 -24.53 -16.53 -1.89
CA VAL A 249 -23.60 -15.40 -1.97
C VAL A 249 -22.36 -15.49 -1.10
N ARG A 250 -21.20 -15.48 -1.76
CA ARG A 250 -19.90 -15.47 -1.12
C ARG A 250 -19.18 -14.16 -1.55
N LEU A 251 -18.58 -13.46 -0.58
CA LEU A 251 -17.81 -12.25 -0.88
C LEU A 251 -16.33 -12.54 -0.72
N HIS A 252 -15.56 -12.10 -1.72
CA HIS A 252 -14.11 -12.21 -1.72
C HIS A 252 -13.48 -10.85 -1.40
N PHE A 253 -12.35 -10.88 -0.70
CA PHE A 253 -11.57 -9.71 -0.33
C PHE A 253 -10.10 -10.05 -0.19
N VAL A 254 -9.27 -9.03 -0.35
CA VAL A 254 -7.84 -9.09 -0.17
C VAL A 254 -7.59 -8.39 1.16
N GLU A 255 -6.69 -8.95 1.98
CA GLU A 255 -6.43 -8.47 3.33
C GLU A 255 -4.95 -8.26 3.61
N LEU A 256 -4.64 -7.08 4.12
CA LEU A 256 -3.28 -6.68 4.46
C LEU A 256 -3.27 -5.70 5.63
N GLY A 257 -2.38 -5.97 6.57
CA GLY A 257 -2.14 -5.09 7.70
C GLY A 257 -2.85 -5.41 8.98
N SER A 258 -2.53 -4.63 10.01
CA SER A 258 -3.09 -4.73 11.36
C SER A 258 -3.51 -3.36 11.81
N GLY A 259 -4.48 -3.33 12.71
CA GLY A 259 -5.02 -2.10 13.26
C GLY A 259 -6.51 -1.97 12.97
N PRO A 260 -7.05 -0.74 12.97
CA PRO A 260 -8.48 -0.56 12.67
C PRO A 260 -8.86 -1.03 11.25
N ALA A 261 -10.00 -1.71 11.13
CA ALA A 261 -10.43 -2.26 9.85
C ALA A 261 -10.89 -1.17 8.87
N VAL A 262 -10.35 -1.22 7.66
CA VAL A 262 -10.68 -0.27 6.60
C VAL A 262 -11.20 -1.09 5.42
N CYS A 263 -12.49 -0.99 5.18
CA CYS A 263 -13.17 -1.69 4.09
C CYS A 263 -13.23 -0.83 2.82
N LEU A 264 -12.53 -1.27 1.75
CA LEU A 264 -12.44 -0.56 0.46
C LEU A 264 -13.46 -1.09 -0.53
N CYS A 265 -14.28 -0.21 -1.05
CA CYS A 265 -15.38 -0.56 -1.96
C CYS A 265 -15.26 0.09 -3.35
N HIS A 266 -14.92 -0.70 -4.38
CA HIS A 266 -14.71 -0.21 -5.75
C HIS A 266 -16.00 0.14 -6.49
N GLY A 267 -15.84 0.75 -7.66
CA GLY A 267 -16.97 1.11 -8.50
C GLY A 267 -17.12 0.23 -9.72
N PHE A 268 -17.85 0.75 -10.70
CA PHE A 268 -18.16 0.06 -11.95
C PHE A 268 -17.26 0.49 -13.08
N PRO A 269 -16.69 -0.44 -13.87
CA PRO A 269 -16.73 -1.91 -13.76
C PRO A 269 -15.36 -2.34 -13.23
N GLU A 270 -15.22 -2.38 -11.90
CA GLU A 270 -13.89 -2.57 -11.35
C GLU A 270 -13.54 -3.88 -10.63
N SER A 271 -12.74 -3.78 -9.55
CA SER A 271 -12.15 -4.94 -8.83
C SER A 271 -11.59 -4.47 -7.50
N TRP A 272 -11.19 -5.43 -6.63
CA TRP A 272 -10.43 -5.13 -5.43
C TRP A 272 -9.11 -4.44 -5.89
N TYR A 273 -8.55 -4.88 -7.06
CA TYR A 273 -7.28 -4.45 -7.68
C TYR A 273 -7.24 -2.97 -8.04
N SER A 274 -8.41 -2.31 -8.10
CA SER A 274 -8.49 -0.87 -8.34
C SER A 274 -7.88 -0.10 -7.18
N TRP A 275 -7.74 -0.76 -6.00
CA TRP A 275 -7.13 -0.20 -4.79
C TRP A 275 -5.68 -0.67 -4.63
N ARG A 276 -5.09 -1.27 -5.69
CA ARG A 276 -3.71 -1.80 -5.61
C ARG A 276 -2.65 -0.84 -5.02
N TYR A 277 -2.75 0.47 -5.30
CA TYR A 277 -1.80 1.47 -4.80
C TYR A 277 -2.13 1.94 -3.37
N GLN A 278 -3.36 1.69 -2.90
CA GLN A 278 -3.80 2.10 -1.56
C GLN A 278 -3.55 1.02 -0.53
N ILE A 279 -3.73 -0.26 -0.90
CA ILE A 279 -3.54 -1.40 0.00
C ILE A 279 -2.18 -1.41 0.75
N PRO A 280 -0.99 -1.47 0.10
CA PRO A 280 0.26 -1.44 0.87
C PRO A 280 0.43 -0.17 1.68
N ALA A 281 0.08 1.01 1.10
CA ALA A 281 0.18 2.31 1.78
C ALA A 281 -0.70 2.39 3.05
N LEU A 282 -2.00 2.03 2.99
CA LEU A 282 -2.89 2.08 4.16
C LEU A 282 -2.47 1.06 5.26
N ALA A 283 -2.02 -0.15 4.86
CA ALA A 283 -1.52 -1.17 5.81
C ALA A 283 -0.24 -0.65 6.50
N GLN A 284 0.64 0.01 5.73
CA GLN A 284 1.89 0.60 6.25
C GLN A 284 1.62 1.75 7.24
N ALA A 285 0.52 2.51 6.99
CA ALA A 285 0.04 3.61 7.86
C ALA A 285 -0.62 3.12 9.17
N GLY A 286 -0.76 1.81 9.36
CA GLY A 286 -1.29 1.24 10.59
C GLY A 286 -2.75 0.80 10.59
N TYR A 287 -3.26 0.35 9.43
CA TYR A 287 -4.63 -0.11 9.28
C TYR A 287 -4.73 -1.51 8.73
N ARG A 288 -5.85 -2.17 9.04
CA ARG A 288 -6.16 -3.48 8.53
C ARG A 288 -7.04 -3.28 7.31
N VAL A 289 -6.46 -3.47 6.13
CA VAL A 289 -7.18 -3.27 4.87
C VAL A 289 -7.96 -4.50 4.41
N LEU A 290 -9.23 -4.32 4.07
CA LEU A 290 -10.08 -5.37 3.51
C LEU A 290 -10.57 -4.80 2.18
N ALA A 291 -9.90 -5.19 1.08
CA ALA A 291 -10.24 -4.69 -0.25
C ALA A 291 -11.17 -5.68 -0.92
N MET A 292 -12.41 -5.28 -1.08
CA MET A 292 -13.48 -6.14 -1.62
C MET A 292 -13.50 -6.32 -3.09
N ASP A 293 -14.04 -7.47 -3.50
CA ASP A 293 -14.56 -7.73 -4.82
C ASP A 293 -16.03 -7.52 -4.47
N MET A 294 -16.64 -6.46 -5.02
CA MET A 294 -18.04 -6.18 -4.69
C MET A 294 -18.92 -7.25 -5.31
N LYS A 295 -20.12 -7.49 -4.78
CA LYS A 295 -21.03 -8.49 -5.33
C LYS A 295 -21.15 -8.28 -6.85
N GLY A 296 -20.99 -9.37 -7.60
CA GLY A 296 -21.07 -9.32 -9.05
C GLY A 296 -19.73 -9.27 -9.74
N TYR A 297 -18.64 -9.19 -8.96
CA TYR A 297 -17.28 -9.01 -9.48
C TYR A 297 -16.29 -10.04 -9.01
N GLY A 298 -15.28 -10.28 -9.85
CA GLY A 298 -14.13 -11.14 -9.60
C GLY A 298 -14.47 -12.47 -8.97
N GLU A 299 -13.86 -12.76 -7.80
CA GLU A 299 -14.08 -14.00 -7.07
C GLU A 299 -15.32 -13.97 -6.15
N SER A 300 -16.06 -12.82 -6.15
CA SER A 300 -17.30 -12.76 -5.37
C SER A 300 -18.41 -13.35 -6.22
N SER A 301 -19.50 -13.78 -5.58
CA SER A 301 -20.62 -14.39 -6.31
C SER A 301 -21.30 -13.31 -7.13
N ALA A 302 -21.86 -13.73 -8.28
CA ALA A 302 -22.59 -12.90 -9.21
C ALA A 302 -23.93 -13.54 -9.55
N PRO A 303 -24.93 -13.54 -8.63
CA PRO A 303 -26.25 -14.10 -8.99
C PRO A 303 -26.89 -13.29 -10.11
N PRO A 304 -27.76 -13.91 -10.97
CA PRO A 304 -28.27 -13.16 -12.13
C PRO A 304 -29.37 -12.16 -11.90
N GLU A 305 -30.17 -12.33 -10.84
CA GLU A 305 -31.34 -11.52 -10.51
C GLU A 305 -31.03 -10.06 -10.29
N ILE A 306 -31.79 -9.16 -10.91
CA ILE A 306 -31.60 -7.70 -10.80
C ILE A 306 -31.70 -7.23 -9.34
N GLU A 307 -32.75 -7.67 -8.63
CA GLU A 307 -33.09 -7.34 -7.24
C GLU A 307 -31.96 -7.66 -6.23
N GLU A 308 -31.03 -8.55 -6.62
CA GLU A 308 -29.88 -8.96 -5.81
C GLU A 308 -28.85 -7.81 -5.66
N TYR A 309 -28.99 -6.78 -6.50
CA TYR A 309 -28.07 -5.64 -6.59
C TYR A 309 -28.63 -4.30 -6.18
N CYS A 310 -29.82 -4.31 -5.58
CA CYS A 310 -30.39 -3.08 -5.01
C CYS A 310 -29.59 -2.74 -3.73
N MET A 311 -29.45 -1.44 -3.42
CA MET A 311 -28.64 -0.96 -2.28
C MET A 311 -28.97 -1.58 -0.93
N GLU A 312 -30.27 -1.79 -0.65
CA GLU A 312 -30.73 -2.42 0.59
C GLU A 312 -30.11 -3.80 0.80
N VAL A 313 -30.10 -4.67 -0.23
CA VAL A 313 -29.51 -6.00 -0.09
C VAL A 313 -28.00 -5.96 -0.07
N LEU A 314 -27.37 -5.10 -0.89
CA LEU A 314 -25.91 -4.92 -0.93
C LEU A 314 -25.40 -4.47 0.43
N CYS A 315 -26.09 -3.49 1.04
CA CYS A 315 -25.74 -2.96 2.36
C CYS A 315 -25.94 -4.01 3.46
N LYS A 316 -27.10 -4.73 3.44
CA LYS A 316 -27.42 -5.79 4.40
C LYS A 316 -26.35 -6.90 4.33
N GLU A 317 -25.90 -7.25 3.13
CA GLU A 317 -24.86 -8.26 2.94
C GLU A 317 -23.50 -7.80 3.47
N MET A 318 -23.19 -6.48 3.35
CA MET A 318 -21.92 -5.91 3.86
C MET A 318 -21.91 -5.94 5.40
N VAL A 319 -23.08 -5.78 6.03
CA VAL A 319 -23.31 -5.88 7.48
C VAL A 319 -23.05 -7.35 7.88
N THR A 320 -23.62 -8.32 7.15
CA THR A 320 -23.39 -9.77 7.36
C THR A 320 -21.90 -10.10 7.26
N PHE A 321 -21.21 -9.49 6.26
CA PHE A 321 -19.77 -9.65 6.04
C PHE A 321 -19.03 -9.27 7.33
N LEU A 322 -19.39 -8.12 7.94
CA LEU A 322 -18.83 -7.66 9.21
C LEU A 322 -19.14 -8.66 10.35
N ASP A 323 -20.41 -9.11 10.45
CA ASP A 323 -20.92 -10.12 11.41
C ASP A 323 -20.07 -11.38 11.39
N LYS A 324 -19.90 -11.94 10.20
CA LYS A 324 -19.16 -13.18 10.02
C LYS A 324 -17.67 -13.07 10.27
N LEU A 325 -17.06 -11.89 10.03
CA LEU A 325 -15.63 -11.69 10.32
C LEU A 325 -15.37 -11.30 11.79
N GLY A 326 -16.44 -11.07 12.55
CA GLY A 326 -16.39 -10.67 13.95
C GLY A 326 -15.98 -9.21 14.12
N LEU A 327 -16.41 -8.33 13.19
CA LEU A 327 -16.03 -6.92 13.25
C LEU A 327 -17.23 -6.11 13.67
N SER A 328 -17.13 -5.41 14.80
CA SER A 328 -18.26 -4.61 15.25
C SER A 328 -18.39 -3.37 14.36
N GLN A 329 -17.26 -2.85 13.81
CA GLN A 329 -17.20 -1.72 12.88
C GLN A 329 -16.05 -1.85 11.87
N ALA A 330 -16.08 -1.01 10.83
CA ALA A 330 -14.98 -0.85 9.89
C ALA A 330 -15.12 0.55 9.36
N VAL A 331 -14.00 1.14 8.91
CA VAL A 331 -14.10 2.40 8.20
C VAL A 331 -14.40 2.02 6.75
N PHE A 332 -15.44 2.65 6.19
CA PHE A 332 -15.87 2.35 4.84
C PHE A 332 -15.42 3.41 3.82
N ILE A 333 -14.54 3.01 2.89
CA ILE A 333 -14.03 3.91 1.85
C ILE A 333 -14.47 3.38 0.50
N GLY A 334 -15.22 4.20 -0.22
CA GLY A 334 -15.79 3.82 -1.51
C GLY A 334 -15.45 4.75 -2.65
N HIS A 335 -15.43 4.21 -3.88
CA HIS A 335 -15.22 4.97 -5.11
C HIS A 335 -16.36 4.60 -6.04
N ASP A 336 -16.93 5.61 -6.73
CA ASP A 336 -17.96 5.40 -7.74
C ASP A 336 -19.22 4.71 -7.15
N TRP A 337 -19.65 3.53 -7.66
CA TRP A 337 -20.79 2.80 -7.09
C TRP A 337 -20.51 2.36 -5.62
N GLY A 338 -19.24 2.11 -5.31
CA GLY A 338 -18.81 1.79 -3.94
C GLY A 338 -18.97 2.99 -3.01
N GLY A 339 -18.77 4.19 -3.54
CA GLY A 339 -18.93 5.45 -2.81
C GLY A 339 -20.38 5.67 -2.43
N MET A 340 -21.30 5.29 -3.32
CA MET A 340 -22.73 5.36 -3.08
C MET A 340 -23.13 4.37 -1.99
N LEU A 341 -22.57 3.11 -2.03
CA LEU A 341 -22.90 2.08 -1.03
C LEU A 341 -22.46 2.55 0.34
N VAL A 342 -21.29 3.18 0.38
CA VAL A 342 -20.63 3.71 1.56
C VAL A 342 -21.44 4.86 2.24
N TRP A 343 -22.09 5.76 1.45
CA TRP A 343 -22.96 6.78 2.04
C TRP A 343 -24.21 6.10 2.64
N TYR A 344 -24.74 5.04 1.98
CA TYR A 344 -25.89 4.31 2.51
C TYR A 344 -25.57 3.49 3.75
N MET A 345 -24.34 2.92 3.81
CA MET A 345 -23.88 2.21 5.02
C MET A 345 -23.93 3.18 6.21
N ALA A 346 -23.41 4.40 6.04
CA ALA A 346 -23.42 5.46 7.04
C ALA A 346 -24.84 5.89 7.48
N LEU A 347 -25.80 5.96 6.53
CA LEU A 347 -27.20 6.37 6.77
C LEU A 347 -28.07 5.32 7.43
N PHE A 348 -27.83 4.05 7.11
CA PHE A 348 -28.68 2.97 7.59
C PHE A 348 -28.05 2.13 8.68
N TYR A 349 -26.72 2.10 8.75
CA TYR A 349 -25.99 1.32 9.76
C TYR A 349 -24.87 2.16 10.39
N PRO A 350 -25.15 3.38 10.96
CA PRO A 350 -24.06 4.17 11.56
C PRO A 350 -23.28 3.48 12.67
N GLU A 351 -23.89 2.52 13.37
CA GLU A 351 -23.22 1.80 14.47
C GLU A 351 -22.12 0.86 13.98
N ARG A 352 -22.15 0.49 12.69
CA ARG A 352 -21.20 -0.41 12.07
C ARG A 352 -20.14 0.29 11.23
N VAL A 353 -20.25 1.61 11.12
CA VAL A 353 -19.32 2.42 10.32
C VAL A 353 -18.51 3.32 11.25
N ARG A 354 -17.19 3.05 11.38
CA ARG A 354 -16.29 3.83 12.23
C ARG A 354 -16.19 5.26 11.65
N ALA A 355 -16.06 5.33 10.32
CA ALA A 355 -15.95 6.56 9.54
C ALA A 355 -16.29 6.20 8.11
N VAL A 356 -16.70 7.19 7.33
CA VAL A 356 -17.09 7.02 5.94
C VAL A 356 -16.32 7.98 5.04
N ALA A 357 -15.73 7.48 3.92
CA ALA A 357 -15.05 8.31 2.92
C ALA A 357 -15.50 7.92 1.50
N SER A 358 -15.67 8.92 0.62
CA SER A 358 -16.03 8.67 -0.76
C SER A 358 -15.11 9.40 -1.73
N LEU A 359 -14.67 8.69 -2.75
CA LEU A 359 -13.89 9.25 -3.84
C LEU A 359 -14.87 9.48 -4.95
N ASN A 360 -14.98 10.74 -5.42
CA ASN A 360 -15.80 11.21 -6.54
C ASN A 360 -17.30 11.21 -6.32
N THR A 361 -17.89 10.13 -5.77
CA THR A 361 -19.34 10.01 -5.53
C THR A 361 -19.86 10.96 -4.47
N PRO A 362 -20.74 11.92 -4.85
CA PRO A 362 -21.30 12.80 -3.83
C PRO A 362 -22.45 12.13 -3.09
N PHE A 363 -22.84 12.71 -1.95
CA PHE A 363 -24.03 12.24 -1.29
C PHE A 363 -25.14 13.20 -1.70
N ILE A 364 -26.15 12.69 -2.44
CA ILE A 364 -27.30 13.46 -2.89
C ILE A 364 -28.55 12.73 -2.40
N PRO A 365 -29.40 13.38 -1.57
CA PRO A 365 -30.61 12.70 -1.09
C PRO A 365 -31.61 12.49 -2.23
N ALA A 366 -32.49 11.50 -2.07
CA ALA A 366 -33.53 11.19 -3.04
C ALA A 366 -34.54 12.34 -3.14
N ASN A 367 -35.02 12.61 -4.36
CA ASN A 367 -36.06 13.62 -4.55
C ASN A 367 -37.38 12.88 -4.45
N PRO A 368 -38.19 13.07 -3.38
CA PRO A 368 -39.47 12.33 -3.29
C PRO A 368 -40.51 12.79 -4.31
N ASN A 369 -40.32 14.00 -4.88
CA ASN A 369 -41.22 14.62 -5.85
C ASN A 369 -40.80 14.41 -7.31
N MET A 370 -39.90 13.43 -7.54
CA MET A 370 -39.38 13.13 -8.88
C MET A 370 -38.88 11.69 -8.97
N SER A 371 -39.32 10.98 -10.02
CA SER A 371 -38.91 9.61 -10.32
C SER A 371 -37.41 9.60 -10.64
N PRO A 372 -36.63 8.57 -10.24
CA PRO A 372 -35.21 8.56 -10.58
C PRO A 372 -34.93 8.55 -12.11
N LEU A 373 -35.93 8.10 -12.92
CA LEU A 373 -35.89 8.07 -14.38
C LEU A 373 -35.93 9.49 -14.95
N GLU A 374 -36.83 10.35 -14.38
CA GLU A 374 -36.99 11.76 -14.73
C GLU A 374 -35.68 12.50 -14.39
N SER A 375 -35.17 12.28 -13.16
CA SER A 375 -33.95 12.86 -12.60
C SER A 375 -32.75 12.60 -13.48
N ILE A 376 -32.60 11.34 -13.95
CA ILE A 376 -31.51 10.91 -14.82
C ILE A 376 -31.59 11.51 -16.23
N LYS A 377 -32.83 11.75 -16.72
CA LYS A 377 -33.08 12.37 -18.02
C LYS A 377 -32.79 13.90 -17.99
N ALA A 378 -32.83 14.52 -16.79
CA ALA A 378 -32.54 15.94 -16.58
C ALA A 378 -31.07 16.29 -16.85
N ASN A 379 -30.15 15.32 -16.63
CA ASN A 379 -28.71 15.47 -16.87
C ASN A 379 -28.27 14.66 -18.10
N PRO A 380 -27.84 15.33 -19.20
CA PRO A 380 -27.43 14.60 -20.42
C PRO A 380 -26.18 13.73 -20.29
N VAL A 381 -25.36 13.95 -19.23
CA VAL A 381 -24.13 13.19 -18.98
C VAL A 381 -24.44 11.74 -18.55
N PHE A 382 -25.65 11.52 -17.96
CA PHE A 382 -26.12 10.22 -17.48
C PHE A 382 -27.00 9.44 -18.47
N ASP A 383 -26.84 9.71 -19.79
CA ASP A 383 -27.57 9.07 -20.89
C ASP A 383 -27.27 7.56 -20.99
N TYR A 384 -25.98 7.19 -20.85
CA TYR A 384 -25.48 5.81 -20.87
C TYR A 384 -26.22 4.91 -19.85
N GLN A 385 -26.72 5.47 -18.72
CA GLN A 385 -27.46 4.75 -17.70
C GLN A 385 -28.75 4.15 -18.25
N LEU A 386 -29.43 4.88 -19.19
CA LEU A 386 -30.65 4.44 -19.87
C LEU A 386 -30.30 3.28 -20.80
N TYR A 387 -29.11 3.34 -21.43
CA TYR A 387 -28.58 2.28 -22.29
C TYR A 387 -28.26 1.01 -21.47
N PHE A 388 -27.94 1.16 -20.17
CA PHE A 388 -27.59 0.06 -19.27
C PHE A 388 -28.83 -0.64 -18.70
N GLN A 389 -30.03 -0.06 -18.90
CA GLN A 389 -31.28 -0.59 -18.34
C GLN A 389 -31.76 -1.91 -18.88
N GLU A 390 -31.79 -2.06 -20.22
CA GLU A 390 -32.27 -3.27 -20.90
C GLU A 390 -31.31 -4.45 -20.70
N PRO A 391 -31.75 -5.52 -20.00
CA PRO A 391 -30.85 -6.65 -19.75
C PRO A 391 -30.39 -7.38 -20.99
N GLY A 392 -29.06 -7.54 -21.10
CA GLY A 392 -28.40 -8.24 -22.19
C GLY A 392 -27.75 -7.34 -23.21
N VAL A 393 -28.30 -6.13 -23.40
CA VAL A 393 -27.80 -5.19 -24.40
C VAL A 393 -26.38 -4.70 -24.13
N ALA A 394 -26.15 -4.03 -22.98
CA ALA A 394 -24.81 -3.52 -22.63
C ALA A 394 -23.83 -4.68 -22.36
N GLU A 395 -24.33 -5.79 -21.76
CA GLU A 395 -23.51 -6.98 -21.50
C GLU A 395 -22.83 -7.44 -22.80
N ALA A 396 -23.63 -7.59 -23.89
CA ALA A 396 -23.13 -8.04 -25.19
C ALA A 396 -21.98 -7.18 -25.69
N GLU A 397 -22.16 -5.83 -25.67
CA GLU A 397 -21.11 -4.89 -26.12
C GLU A 397 -19.89 -4.89 -25.20
N LEU A 398 -20.10 -4.89 -23.87
CA LEU A 398 -18.99 -4.85 -22.91
C LEU A 398 -18.19 -6.15 -22.85
N GLU A 399 -18.85 -7.29 -23.07
CA GLU A 399 -18.23 -8.64 -23.08
C GLU A 399 -17.65 -9.07 -24.43
N GLN A 400 -17.97 -8.36 -25.55
CA GLN A 400 -17.51 -8.70 -26.90
C GLN A 400 -15.99 -8.82 -27.00
N ASN A 401 -15.28 -7.84 -26.46
CA ASN A 401 -13.82 -7.81 -26.43
C ASN A 401 -13.45 -7.11 -25.13
N LEU A 402 -13.02 -7.90 -24.11
CA LEU A 402 -12.68 -7.43 -22.76
C LEU A 402 -11.49 -6.50 -22.71
N SER A 403 -10.41 -6.85 -23.42
CA SER A 403 -9.22 -6.01 -23.48
C SER A 403 -9.58 -4.62 -24.04
N ARG A 404 -10.47 -4.57 -25.07
CA ARG A 404 -10.97 -3.32 -25.68
C ARG A 404 -11.81 -2.55 -24.65
N THR A 405 -12.73 -3.24 -23.92
CA THR A 405 -13.58 -2.60 -22.90
C THR A 405 -12.75 -1.81 -21.87
N PHE A 406 -11.76 -2.46 -21.20
CA PHE A 406 -10.94 -1.83 -20.15
C PHE A 406 -9.95 -0.82 -20.66
N LYS A 407 -9.34 -1.09 -21.82
CA LYS A 407 -8.41 -0.14 -22.47
C LYS A 407 -9.14 1.15 -22.87
N SER A 408 -10.41 1.04 -23.32
CA SER A 408 -11.24 2.19 -23.68
C SER A 408 -11.70 2.94 -22.43
N LEU A 409 -12.10 2.22 -21.36
CA LEU A 409 -12.60 2.83 -20.13
C LEU A 409 -11.53 3.46 -19.25
N PHE A 410 -10.50 2.69 -18.90
CA PHE A 410 -9.44 3.13 -17.99
C PHE A 410 -8.40 4.03 -18.65
N ARG A 411 -8.69 5.33 -18.73
CA ARG A 411 -7.78 6.34 -19.30
C ARG A 411 -7.87 7.68 -18.59
N ALA A 412 -6.74 8.44 -18.55
CA ALA A 412 -6.64 9.76 -17.91
C ALA A 412 -7.55 10.81 -18.61
N SER A 413 -7.78 11.97 -17.97
CA SER A 413 -8.67 13.04 -18.50
C SER A 413 -8.28 13.57 -19.90
N ASP A 414 -6.97 13.55 -20.21
CA ASP A 414 -6.33 13.99 -21.46
C ASP A 414 -6.19 12.84 -22.48
N GLU A 415 -6.86 11.70 -22.24
CA GLU A 415 -6.76 10.51 -23.11
C GLU A 415 -8.11 10.04 -23.63
N SER A 416 -9.20 10.75 -23.24
CA SER A 416 -10.59 10.45 -23.60
C SER A 416 -10.79 9.91 -25.01
N VAL A 417 -11.24 8.66 -25.10
CA VAL A 417 -11.52 7.94 -26.34
C VAL A 417 -13.05 7.73 -26.50
N LEU A 418 -13.80 7.90 -25.38
CA LEU A 418 -15.24 7.74 -25.32
C LEU A 418 -16.01 9.07 -25.31
N SER A 419 -16.97 9.19 -26.24
CA SER A 419 -17.88 10.32 -26.41
C SER A 419 -19.23 9.88 -25.81
N MET A 420 -19.42 10.10 -24.49
CA MET A 420 -20.59 9.66 -23.73
C MET A 420 -21.92 10.40 -23.89
N HIS A 421 -22.01 11.31 -24.86
CA HIS A 421 -23.28 11.95 -25.14
C HIS A 421 -23.95 11.14 -26.27
N LYS A 422 -25.29 11.03 -26.23
CA LYS A 422 -26.10 10.28 -27.20
C LYS A 422 -25.54 8.87 -27.35
N VAL A 423 -25.48 8.12 -26.22
CA VAL A 423 -24.95 6.75 -26.17
C VAL A 423 -25.94 5.82 -26.85
N CYS A 424 -27.22 5.82 -26.38
CA CYS A 424 -28.31 5.01 -26.93
CA CYS A 424 -28.28 4.99 -26.94
C CYS A 424 -28.65 5.37 -28.38
N GLU A 425 -28.52 6.68 -28.74
CA GLU A 425 -28.79 7.21 -30.10
C GLU A 425 -27.73 6.68 -31.09
N ALA A 426 -26.45 6.72 -30.66
CA ALA A 426 -25.30 6.25 -31.44
C ALA A 426 -25.25 4.71 -31.52
N GLY A 427 -26.00 4.05 -30.64
CA GLY A 427 -26.09 2.59 -30.62
C GLY A 427 -25.43 1.91 -29.44
N GLY A 428 -24.26 2.40 -29.05
CA GLY A 428 -23.50 1.84 -27.94
C GLY A 428 -22.45 2.76 -27.36
N LEU A 429 -21.65 2.22 -26.44
CA LEU A 429 -20.57 2.92 -25.75
C LEU A 429 -19.35 3.13 -26.63
N PHE A 430 -18.93 2.07 -27.37
CA PHE A 430 -17.72 2.04 -28.20
C PHE A 430 -17.94 2.18 -29.72
N VAL A 431 -19.07 2.75 -30.15
CA VAL A 431 -19.41 2.93 -31.57
C VAL A 431 -18.46 3.84 -32.39
N ASN A 432 -17.95 4.91 -31.77
CA ASN A 432 -16.99 5.82 -32.42
C ASN A 432 -15.59 5.63 -31.81
N SER A 433 -15.34 4.42 -31.26
CA SER A 433 -14.10 4.07 -30.57
C SER A 433 -13.24 3.11 -31.36
N PRO A 434 -11.88 3.19 -31.24
CA PRO A 434 -11.02 2.23 -31.95
C PRO A 434 -11.18 0.79 -31.47
N GLU A 435 -10.99 -0.17 -32.39
CA GLU A 435 -11.07 -1.60 -32.11
C GLU A 435 -9.87 -2.04 -31.29
N GLU A 436 -8.73 -1.40 -31.52
CA GLU A 436 -7.48 -1.67 -30.80
C GLU A 436 -7.05 -0.36 -30.12
N PRO A 437 -7.65 -0.01 -28.95
CA PRO A 437 -7.25 1.23 -28.28
C PRO A 437 -5.78 1.23 -27.84
N SER A 438 -5.19 2.42 -27.75
CA SER A 438 -3.81 2.56 -27.30
C SER A 438 -3.77 2.27 -25.79
N LEU A 439 -2.57 2.10 -25.22
CA LEU A 439 -2.46 1.84 -23.80
C LEU A 439 -2.39 3.18 -23.07
N SER A 440 -3.23 3.37 -22.05
CA SER A 440 -3.23 4.58 -21.24
C SER A 440 -1.95 4.62 -20.40
N ARG A 441 -1.48 5.83 -20.03
CA ARG A 441 -0.29 6.03 -19.19
C ARG A 441 -0.54 5.57 -17.74
N MET A 442 -1.82 5.45 -17.36
CA MET A 442 -2.28 5.02 -16.03
C MET A 442 -2.08 3.52 -15.77
N VAL A 443 -2.06 2.69 -16.83
CA VAL A 443 -2.02 1.22 -16.71
C VAL A 443 -1.01 0.50 -17.61
N THR A 444 -0.54 -0.69 -17.16
CA THR A 444 0.33 -1.54 -17.97
C THR A 444 -0.62 -2.53 -18.66
N GLU A 445 -0.14 -3.23 -19.69
CA GLU A 445 -0.88 -4.26 -20.42
C GLU A 445 -1.23 -5.39 -19.43
N GLU A 446 -0.29 -5.73 -18.53
CA GLU A 446 -0.43 -6.75 -17.49
C GLU A 446 -1.62 -6.43 -16.57
N GLU A 447 -1.73 -5.17 -16.11
CA GLU A 447 -2.83 -4.70 -15.27
C GLU A 447 -4.18 -4.79 -16.00
N ILE A 448 -4.21 -4.51 -17.34
CA ILE A 448 -5.44 -4.63 -18.14
C ILE A 448 -5.87 -6.11 -18.17
N GLN A 449 -4.89 -7.00 -18.44
CA GLN A 449 -5.14 -8.45 -18.50
C GLN A 449 -5.62 -9.06 -17.17
N PHE A 450 -5.32 -8.43 -16.01
CA PHE A 450 -5.87 -8.89 -14.73
C PHE A 450 -7.38 -8.63 -14.72
N TYR A 451 -7.83 -7.42 -15.15
CA TYR A 451 -9.25 -7.08 -15.24
C TYR A 451 -9.95 -7.99 -16.24
N VAL A 452 -9.29 -8.27 -17.39
CA VAL A 452 -9.81 -9.16 -18.44
C VAL A 452 -10.08 -10.56 -17.82
N GLN A 453 -9.06 -11.13 -17.13
CA GLN A 453 -9.17 -12.45 -16.50
C GLN A 453 -10.24 -12.54 -15.43
N GLN A 454 -10.40 -11.47 -14.63
CA GLN A 454 -11.44 -11.39 -13.59
C GLN A 454 -12.82 -11.39 -14.19
N PHE A 455 -13.05 -10.57 -15.24
CA PHE A 455 -14.35 -10.45 -15.91
C PHE A 455 -14.78 -11.66 -16.77
N LYS A 456 -13.84 -12.60 -17.04
CA LYS A 456 -14.10 -13.84 -17.77
C LYS A 456 -14.97 -14.78 -16.95
N LYS A 457 -14.94 -14.68 -15.60
CA LYS A 457 -15.80 -15.51 -14.74
C LYS A 457 -17.31 -15.19 -14.86
N SER A 458 -17.73 -13.96 -14.56
CA SER A 458 -19.17 -13.72 -14.55
C SER A 458 -19.69 -12.71 -15.55
N GLY A 459 -18.77 -11.97 -16.17
CA GLY A 459 -19.11 -10.95 -17.14
C GLY A 459 -19.70 -9.70 -16.51
N PHE A 460 -20.54 -9.02 -17.28
CA PHE A 460 -21.12 -7.74 -16.92
C PHE A 460 -22.51 -7.72 -16.40
N ARG A 461 -23.20 -8.89 -16.30
CA ARG A 461 -24.59 -8.93 -15.83
C ARG A 461 -24.78 -8.38 -14.40
N GLY A 462 -24.02 -8.92 -13.45
CA GLY A 462 -24.02 -8.52 -12.05
C GLY A 462 -23.62 -7.07 -11.88
N PRO A 463 -22.46 -6.67 -12.41
CA PRO A 463 -22.07 -5.24 -12.36
C PRO A 463 -23.12 -4.28 -12.93
N LEU A 464 -23.70 -4.60 -14.13
CA LEU A 464 -24.73 -3.78 -14.75
C LEU A 464 -26.02 -3.76 -13.98
N ASN A 465 -26.30 -4.82 -13.19
CA ASN A 465 -27.49 -4.87 -12.34
C ASN A 465 -27.49 -3.80 -11.24
N TRP A 466 -26.29 -3.25 -10.87
CA TRP A 466 -26.16 -2.18 -9.87
C TRP A 466 -26.97 -0.93 -10.31
N TYR A 467 -27.04 -0.69 -11.64
CA TYR A 467 -27.78 0.42 -12.29
C TYR A 467 -29.25 0.10 -12.49
N ARG A 468 -29.64 -1.19 -12.33
CA ARG A 468 -31.00 -1.64 -12.64
C ARG A 468 -32.00 -1.67 -11.48
N ASN A 469 -31.71 -0.94 -10.41
CA ASN A 469 -32.58 -0.87 -9.23
C ASN A 469 -32.90 0.57 -8.82
N MET A 470 -32.80 1.50 -9.80
CA MET A 470 -33.02 2.94 -9.58
CA MET A 470 -33.05 2.94 -9.62
C MET A 470 -34.28 3.25 -8.77
N GLU A 471 -35.41 2.58 -9.08
CA GLU A 471 -36.71 2.69 -8.43
C GLU A 471 -36.73 2.10 -7.00
N ARG A 472 -36.14 0.91 -6.82
CA ARG A 472 -36.03 0.22 -5.52
C ARG A 472 -35.16 1.08 -4.57
N ASN A 473 -34.00 1.54 -5.09
CA ASN A 473 -33.04 2.37 -4.34
C ASN A 473 -33.64 3.69 -3.92
N TRP A 474 -34.43 4.32 -4.82
CA TRP A 474 -35.11 5.59 -4.57
C TRP A 474 -36.10 5.49 -3.42
N LYS A 475 -36.96 4.45 -3.44
CA LYS A 475 -37.95 4.20 -2.38
C LYS A 475 -37.27 3.95 -1.03
N TRP A 476 -36.14 3.19 -1.02
CA TRP A 476 -35.37 2.89 0.19
C TRP A 476 -34.72 4.15 0.70
N ALA A 477 -34.05 4.93 -0.19
CA ALA A 477 -33.35 6.17 0.14
C ALA A 477 -34.29 7.21 0.77
N CYS A 478 -35.57 7.24 0.35
CA CYS A 478 -36.60 8.15 0.86
C CYS A 478 -36.88 7.96 2.36
N LYS A 479 -36.62 6.77 2.91
CA LYS A 479 -36.79 6.45 4.34
C LYS A 479 -35.76 7.18 5.21
N SER A 480 -34.66 7.66 4.59
CA SER A 480 -33.57 8.36 5.27
C SER A 480 -33.61 9.88 5.09
N LEU A 481 -34.68 10.43 4.49
CA LEU A 481 -34.78 11.87 4.23
C LEU A 481 -34.81 12.79 5.47
N GLY A 482 -35.22 12.26 6.61
CA GLY A 482 -35.23 13.01 7.87
C GLY A 482 -33.91 12.91 8.64
N ARG A 483 -32.97 12.10 8.14
CA ARG A 483 -31.69 11.88 8.82
C ARG A 483 -30.58 12.78 8.36
N LYS A 484 -29.50 12.82 9.15
CA LYS A 484 -28.27 13.51 8.82
C LYS A 484 -27.09 12.55 9.03
N ILE A 485 -25.97 12.73 8.29
CA ILE A 485 -24.78 11.91 8.51
C ILE A 485 -23.94 12.68 9.51
N LEU A 486 -23.83 12.13 10.74
CA LEU A 486 -23.15 12.79 11.85
C LEU A 486 -21.91 12.05 12.34
N ILE A 487 -21.59 10.90 11.72
CA ILE A 487 -20.37 10.15 12.02
C ILE A 487 -19.23 10.83 11.22
N PRO A 488 -17.92 10.59 11.49
CA PRO A 488 -16.87 11.24 10.67
C PRO A 488 -16.95 10.87 9.18
N ALA A 489 -16.97 11.89 8.32
CA ALA A 489 -17.13 11.74 6.87
C ALA A 489 -16.11 12.55 6.08
N LEU A 490 -15.65 11.98 4.96
CA LEU A 490 -14.72 12.62 4.04
C LEU A 490 -15.25 12.54 2.62
N MET A 491 -15.24 13.68 1.91
CA MET A 491 -15.64 13.72 0.51
C MET A 491 -14.42 14.15 -0.29
N VAL A 492 -13.98 13.32 -1.24
CA VAL A 492 -12.82 13.61 -2.10
C VAL A 492 -13.29 13.83 -3.52
N THR A 493 -13.09 15.05 -4.04
CA THR A 493 -13.51 15.36 -5.42
C THR A 493 -12.31 15.29 -6.35
N ALA A 494 -12.58 14.96 -7.64
CA ALA A 494 -11.58 14.84 -8.71
C ALA A 494 -11.96 15.87 -9.79
N GLU A 495 -11.09 16.88 -9.99
CA GLU A 495 -11.29 18.02 -10.89
C GLU A 495 -11.83 17.67 -12.27
N LYS A 496 -11.20 16.69 -12.93
CA LYS A 496 -11.54 16.28 -14.28
C LYS A 496 -12.42 15.04 -14.43
N ASP A 497 -13.19 14.70 -13.38
CA ASP A 497 -14.15 13.59 -13.51
C ASP A 497 -15.37 14.26 -14.14
N PHE A 498 -15.69 13.87 -15.38
CA PHE A 498 -16.81 14.47 -16.10
C PHE A 498 -18.15 13.80 -15.86
N VAL A 499 -18.15 12.65 -15.16
CA VAL A 499 -19.37 11.94 -14.78
C VAL A 499 -19.74 12.45 -13.38
N LEU A 500 -18.80 12.35 -12.43
CA LEU A 500 -18.97 12.76 -11.04
C LEU A 500 -18.18 14.02 -10.82
N VAL A 501 -18.75 15.13 -11.30
CA VAL A 501 -18.15 16.46 -11.27
C VAL A 501 -18.09 17.00 -9.84
N PRO A 502 -16.99 17.69 -9.47
CA PRO A 502 -16.87 18.25 -8.10
C PRO A 502 -18.05 19.08 -7.60
N GLN A 503 -18.71 19.85 -8.51
CA GLN A 503 -19.86 20.70 -8.18
C GLN A 503 -21.10 19.95 -7.71
N MET A 504 -21.27 18.66 -8.12
CA MET A 504 -22.38 17.81 -7.70
C MET A 504 -22.37 17.55 -6.17
N SER A 505 -21.23 17.81 -5.51
CA SER A 505 -21.01 17.61 -4.08
C SER A 505 -21.19 18.90 -3.23
N GLN A 506 -21.46 20.06 -3.89
CA GLN A 506 -21.59 21.39 -3.26
C GLN A 506 -22.61 21.55 -2.10
N HIS A 507 -23.73 20.79 -2.12
CA HIS A 507 -24.77 20.88 -1.08
C HIS A 507 -24.65 19.83 0.03
N MET A 508 -23.60 19.01 0.02
CA MET A 508 -23.40 17.92 0.96
C MET A 508 -23.38 18.33 2.45
N GLU A 509 -22.80 19.51 2.81
CA GLU A 509 -22.81 19.96 4.22
C GLU A 509 -24.18 20.25 4.83
N ASP A 510 -25.25 20.22 4.01
CA ASP A 510 -26.63 20.36 4.48
C ASP A 510 -27.08 19.05 5.14
N TRP A 511 -26.52 17.91 4.71
CA TRP A 511 -26.86 16.58 5.24
C TRP A 511 -25.74 16.00 6.08
N ILE A 512 -24.53 16.53 5.91
CA ILE A 512 -23.31 16.11 6.63
C ILE A 512 -22.61 17.41 7.14
N PRO A 513 -23.11 18.10 8.21
CA PRO A 513 -22.47 19.37 8.64
C PRO A 513 -20.99 19.33 9.05
N HIS A 514 -20.52 18.20 9.59
CA HIS A 514 -19.12 18.05 10.04
C HIS A 514 -18.20 17.50 8.93
N LEU A 515 -18.72 17.38 7.70
CA LEU A 515 -18.01 16.85 6.54
C LEU A 515 -16.64 17.50 6.31
N LYS A 516 -15.62 16.65 6.12
CA LYS A 516 -14.27 17.06 5.78
C LYS A 516 -14.11 16.78 4.29
N ARG A 517 -13.20 17.49 3.63
CA ARG A 517 -13.01 17.35 2.19
C ARG A 517 -11.57 17.22 1.78
N GLY A 518 -11.42 16.70 0.59
CA GLY A 518 -10.17 16.56 -0.14
C GLY A 518 -10.46 16.89 -1.59
N HIS A 519 -9.47 17.37 -2.31
CA HIS A 519 -9.67 17.70 -3.72
C HIS A 519 -8.43 17.33 -4.50
N ILE A 520 -8.63 16.71 -5.68
CA ILE A 520 -7.51 16.31 -6.53
C ILE A 520 -7.63 16.97 -7.90
N GLU A 521 -6.66 17.84 -8.18
CA GLU A 521 -6.57 18.56 -9.44
C GLU A 521 -5.99 17.66 -10.50
N ASP A 522 -6.40 17.88 -11.76
CA ASP A 522 -5.97 17.12 -12.95
C ASP A 522 -6.15 15.59 -12.75
N CYS A 523 -7.28 15.22 -12.14
CA CYS A 523 -7.65 13.84 -11.85
C CYS A 523 -8.96 13.49 -12.53
N GLY A 524 -8.94 12.43 -13.32
CA GLY A 524 -10.12 11.91 -13.99
C GLY A 524 -10.99 11.05 -13.08
N HIS A 525 -11.86 10.22 -13.68
CA HIS A 525 -12.78 9.35 -12.95
C HIS A 525 -12.14 8.19 -12.18
N TRP A 526 -11.07 7.61 -12.73
CA TRP A 526 -10.36 6.45 -12.16
C TRP A 526 -9.33 6.95 -11.18
N THR A 527 -9.82 7.69 -10.16
CA THR A 527 -9.08 8.37 -9.09
C THR A 527 -7.87 7.63 -8.51
N GLN A 528 -8.05 6.35 -8.11
CA GLN A 528 -7.01 5.55 -7.45
C GLN A 528 -5.77 5.30 -8.30
N MET A 529 -5.94 4.98 -9.60
CA MET A 529 -4.81 4.72 -10.50
C MET A 529 -4.29 5.98 -11.20
N ASP A 530 -5.15 7.01 -11.34
CA ASP A 530 -4.83 8.32 -11.94
C ASP A 530 -3.88 9.08 -11.04
N LYS A 531 -4.27 9.27 -9.76
CA LYS A 531 -3.48 10.01 -8.77
C LYS A 531 -3.26 9.21 -7.48
N PRO A 532 -2.55 8.06 -7.54
CA PRO A 532 -2.37 7.24 -6.32
C PRO A 532 -1.68 7.89 -5.14
N THR A 533 -0.58 8.63 -5.37
CA THR A 533 0.17 9.32 -4.32
C THR A 533 -0.69 10.29 -3.47
N GLU A 534 -1.56 11.05 -4.14
CA GLU A 534 -2.41 12.04 -3.49
C GLU A 534 -3.62 11.46 -2.81
N VAL A 535 -4.23 10.41 -3.42
CA VAL A 535 -5.33 9.64 -2.81
C VAL A 535 -4.81 9.14 -1.45
N ASN A 536 -3.64 8.47 -1.46
CA ASN A 536 -2.99 7.93 -0.27
C ASN A 536 -2.74 9.00 0.79
N GLN A 537 -2.18 10.15 0.36
CA GLN A 537 -1.89 11.28 1.23
C GLN A 537 -3.18 11.78 1.91
N ILE A 538 -4.25 12.00 1.13
CA ILE A 538 -5.56 12.46 1.62
C ILE A 538 -6.21 11.46 2.61
N LEU A 539 -6.26 10.18 2.22
CA LEU A 539 -6.87 9.14 3.05
C LEU A 539 -6.09 8.88 4.31
N ILE A 540 -4.74 8.74 4.24
CA ILE A 540 -3.95 8.51 5.47
C ILE A 540 -4.10 9.68 6.47
N LYS A 541 -4.02 10.92 5.98
CA LYS A 541 -4.16 12.11 6.83
C LYS A 541 -5.52 12.14 7.56
N TRP A 542 -6.61 11.86 6.83
CA TRP A 542 -7.98 11.82 7.38
C TRP A 542 -8.18 10.64 8.34
N LEU A 543 -7.65 9.46 7.98
CA LEU A 543 -7.72 8.24 8.81
C LEU A 543 -7.06 8.49 10.17
N ASP A 544 -5.84 9.07 10.16
CA ASP A 544 -5.08 9.34 11.38
C ASP A 544 -5.71 10.41 12.27
N SER A 545 -6.48 11.33 11.69
CA SER A 545 -7.13 12.40 12.42
C SER A 545 -8.55 12.08 12.90
N ASP A 546 -9.35 11.37 12.08
CA ASP A 546 -10.76 11.07 12.37
C ASP A 546 -11.17 9.60 12.59
N ALA A 547 -10.37 8.64 12.12
CA ALA A 547 -10.76 7.22 12.22
C ALA A 547 -9.98 6.36 13.23
N ARG A 548 -9.25 7.00 14.18
CA ARG A 548 -8.44 6.37 15.24
C ARG A 548 -7.31 5.49 14.67
#